data_2O9K
#
_entry.id   2O9K
#
_cell.length_a   134.045
_cell.length_b   46.975
_cell.length_c   112.236
_cell.angle_alpha   90.00
_cell.angle_beta   117.26
_cell.angle_gamma   90.00
#
_symmetry.space_group_name_H-M   'C 1 2 1'
#
loop_
_entity.id
_entity.type
_entity.pdbx_description
1 polymer 'WD repeat protein 5'
2 polymer 'H3 HISTONE'
3 water water
#
loop_
_entity_poly.entity_id
_entity_poly.type
_entity_poly.pdbx_seq_one_letter_code
_entity_poly.pdbx_strand_id
1 'polypeptide(L)'
;GSTQSKPTPVKPNYALKFTLAGHTKAVSSVKFSPNGEWLASSSADKLIKIWGAYDGKFEKTISGHKLGISDVAWSSDSNL
LVSASDDKTLKIWDVSSGKCLKTLKGHSNYVFCCNFNPQSNLIVSGSFDESVRIWDVKTGKCLKTLPAHSDPVSAVHFNR
DGSLIVSSSYDGLCRIWDTASGQCLKTLIDDDNPPVSFVKFSPNGKYILAATLDNTLKLWDYSKGKCLKTYTGHKNEKYC
IFANFSVTGGKWIVSGSEDNLVYIWNLQTKEIVQKLQGHTDVVISTACHPTENIIASAALENDKTIKLWKSDC
;
A,C
2 'polypeptide(L)' ART(MLY)QTARKST B,D
#
# COMPACT_ATOMS: atom_id res chain seq x y z
N VAL A 10 5.62 -9.53 -26.58
CA VAL A 10 5.52 -9.14 -25.14
C VAL A 10 4.44 -9.98 -24.43
N LYS A 11 4.82 -10.64 -23.33
CA LYS A 11 3.88 -11.33 -22.47
C LYS A 11 4.24 -11.00 -21.02
N PRO A 12 3.23 -10.92 -20.13
CA PRO A 12 3.55 -10.66 -18.72
C PRO A 12 4.16 -11.89 -18.06
N ASN A 13 4.74 -11.71 -16.88
CA ASN A 13 5.28 -12.83 -16.13
C ASN A 13 4.87 -12.76 -14.66
N TYR A 14 3.58 -12.60 -14.42
CA TYR A 14 3.02 -12.55 -13.07
C TYR A 14 3.44 -13.76 -12.22
N ALA A 15 3.94 -13.48 -11.01
CA ALA A 15 4.37 -14.52 -10.11
C ALA A 15 3.75 -14.23 -8.74
N LEU A 16 3.49 -15.29 -7.98
CA LEU A 16 2.86 -15.17 -6.67
C LEU A 16 3.78 -14.47 -5.66
N LYS A 17 3.26 -13.42 -5.03
CA LYS A 17 3.99 -12.69 -4.00
C LYS A 17 3.44 -13.01 -2.60
N PHE A 18 2.12 -12.99 -2.44
CA PHE A 18 1.49 -13.26 -1.13
C PHE A 18 0.14 -13.93 -1.30
N THR A 19 -0.20 -14.70 -0.28
CA THR A 19 -1.51 -15.28 -0.13
C THR A 19 -2.05 -14.75 1.17
N LEU A 20 -3.24 -14.16 1.10
CA LEU A 20 -3.80 -13.46 2.22
C LEU A 20 -4.99 -14.25 2.74
N ALA A 21 -4.85 -14.74 3.98
CA ALA A 21 -5.83 -15.60 4.60
C ALA A 21 -6.52 -14.84 5.72
N GLY A 22 -7.81 -15.11 5.90
CA GLY A 22 -8.53 -14.53 7.02
C GLY A 22 -10.05 -14.51 6.90
N HIS A 23 -10.55 -14.38 5.67
CA HIS A 23 -11.98 -14.49 5.46
C HIS A 23 -12.41 -15.91 5.80
N THR A 24 -13.63 -16.04 6.26
CA THR A 24 -14.11 -17.34 6.75
C THR A 24 -15.16 -17.96 5.84
N LYS A 25 -15.49 -17.26 4.75
CA LYS A 25 -16.35 -17.78 3.71
C LYS A 25 -15.76 -17.29 2.38
N ALA A 26 -16.38 -17.65 1.26
CA ALA A 26 -15.97 -17.17 -0.05
C ALA A 26 -15.73 -15.65 -0.09
N VAL A 27 -14.64 -15.25 -0.74
CA VAL A 27 -14.34 -13.84 -0.96
C VAL A 27 -15.16 -13.46 -2.18
N SER A 28 -15.73 -12.27 -2.19
CA SER A 28 -16.59 -11.80 -3.29
C SER A 28 -15.94 -10.78 -4.24
N SER A 29 -15.10 -9.90 -3.71
CA SER A 29 -14.58 -8.77 -4.47
C SER A 29 -13.33 -8.15 -3.86
N VAL A 30 -12.34 -7.89 -4.69
CA VAL A 30 -11.14 -7.20 -4.27
C VAL A 30 -10.95 -5.95 -5.12
N LYS A 31 -10.50 -4.85 -4.49
CA LYS A 31 -10.28 -3.56 -5.15
C LYS A 31 -9.06 -2.84 -4.56
N PHE A 32 -8.15 -2.35 -5.40
CA PHE A 32 -7.06 -1.48 -4.91
C PHE A 32 -7.54 -0.07 -4.67
N SER A 33 -7.04 0.56 -3.60
CA SER A 33 -7.33 1.97 -3.38
C SER A 33 -6.75 2.77 -4.55
N PRO A 34 -7.39 3.88 -4.95
CA PRO A 34 -6.83 4.68 -6.05
C PRO A 34 -5.38 5.19 -5.80
N ASN A 35 -4.99 5.39 -4.53
CA ASN A 35 -3.61 5.83 -4.23
C ASN A 35 -2.62 4.65 -4.20
N GLY A 36 -3.10 3.45 -4.53
CA GLY A 36 -2.24 2.24 -4.63
C GLY A 36 -1.77 1.62 -3.31
N GLU A 37 -2.12 2.24 -2.20
CA GLU A 37 -1.62 1.83 -0.87
C GLU A 37 -2.24 0.54 -0.31
N TRP A 38 -3.53 0.33 -0.61
CA TRP A 38 -4.36 -0.66 0.08
C TRP A 38 -5.05 -1.57 -0.91
N LEU A 39 -5.34 -2.78 -0.44
CA LEU A 39 -6.31 -3.64 -1.06
C LEU A 39 -7.49 -3.82 -0.09
N ALA A 40 -8.72 -3.64 -0.58
CA ALA A 40 -9.90 -3.95 0.22
C ALA A 40 -10.50 -5.23 -0.34
N SER A 41 -10.98 -6.08 0.56
CA SER A 41 -11.72 -7.27 0.14
C SER A 41 -13.06 -7.37 0.88
N SER A 42 -14.05 -7.94 0.19
CA SER A 42 -15.34 -8.20 0.79
C SER A 42 -15.65 -9.68 0.64
N SER A 43 -16.56 -10.18 1.47
CA SER A 43 -16.81 -11.63 1.52
C SER A 43 -18.25 -11.97 1.95
N ALA A 44 -18.67 -13.18 1.56
CA ALA A 44 -19.90 -13.79 2.07
C ALA A 44 -19.90 -13.86 3.62
N ASP A 45 -18.73 -13.71 4.24
CA ASP A 45 -18.64 -13.70 5.70
C ASP A 45 -19.09 -12.41 6.38
N LYS A 46 -19.57 -11.44 5.61
CA LYS A 46 -20.16 -10.18 6.12
C LYS A 46 -19.11 -9.13 6.48
N LEU A 47 -17.86 -9.43 6.17
CA LEU A 47 -16.73 -8.58 6.54
C LEU A 47 -16.02 -7.94 5.35
N ILE A 48 -15.50 -6.75 5.62
CA ILE A 48 -14.52 -6.11 4.77
C ILE A 48 -13.16 -6.19 5.48
N LYS A 49 -12.14 -6.53 4.71
CA LYS A 49 -10.81 -6.50 5.25
C LYS A 49 -9.89 -5.63 4.40
N ILE A 50 -8.97 -4.93 5.06
CA ILE A 50 -8.00 -4.05 4.42
C ILE A 50 -6.59 -4.64 4.60
N TRP A 51 -5.80 -4.59 3.53
CA TRP A 51 -4.52 -5.23 3.42
C TRP A 51 -3.53 -4.27 2.75
N GLY A 52 -2.27 -4.26 3.19
CA GLY A 52 -1.26 -3.45 2.49
C GLY A 52 -1.03 -4.02 1.10
N ALA A 53 -1.04 -3.19 0.07
CA ALA A 53 -0.92 -3.67 -1.33
C ALA A 53 0.46 -4.25 -1.73
N TYR A 54 1.50 -3.86 -1.00
CA TYR A 54 2.86 -4.17 -1.38
C TYR A 54 3.49 -5.25 -0.49
N ASP A 55 3.08 -5.29 0.77
CA ASP A 55 3.56 -6.34 1.68
C ASP A 55 2.46 -7.33 2.09
N GLY A 56 1.25 -7.15 1.58
CA GLY A 56 0.11 -8.05 1.89
C GLY A 56 -0.30 -8.09 3.37
N LYS A 57 0.19 -7.13 4.15
CA LYS A 57 0.02 -7.16 5.60
C LYS A 57 -1.41 -6.78 5.99
N PHE A 58 -2.04 -7.67 6.77
CA PHE A 58 -3.40 -7.43 7.21
C PHE A 58 -3.45 -6.17 8.05
N GLU A 59 -4.38 -5.29 7.71
CA GLU A 59 -4.50 -4.00 8.37
C GLU A 59 -5.66 -3.97 9.38
N LYS A 60 -6.89 -4.19 8.90
CA LYS A 60 -8.05 -4.20 9.77
C LYS A 60 -9.25 -4.92 9.15
N THR A 61 -10.20 -5.24 10.01
CA THR A 61 -11.50 -5.77 9.61
C THR A 61 -12.56 -4.69 9.86
N ILE A 62 -13.45 -4.54 8.90
CA ILE A 62 -14.56 -3.59 8.98
C ILE A 62 -15.87 -4.40 8.92
N SER A 63 -16.70 -4.22 9.95
CA SER A 63 -17.89 -5.05 10.11
C SER A 63 -19.12 -4.17 10.43
N GLY A 64 -20.30 -4.74 10.20
CA GLY A 64 -21.55 -4.05 10.44
C GLY A 64 -22.70 -4.59 9.61
N HIS A 65 -22.41 -5.05 8.38
CA HIS A 65 -23.44 -5.66 7.52
C HIS A 65 -24.04 -6.88 8.23
N LYS A 66 -25.33 -7.13 7.98
CA LYS A 66 -26.01 -8.23 8.66
C LYS A 66 -26.02 -9.49 7.83
N LEU A 67 -25.69 -9.36 6.54
CA LEU A 67 -25.54 -10.48 5.62
C LEU A 67 -24.30 -10.30 4.74
N GLY A 68 -24.06 -11.28 3.88
CA GLY A 68 -22.87 -11.32 3.03
C GLY A 68 -22.78 -10.09 2.13
N ILE A 69 -21.54 -9.77 1.73
CA ILE A 69 -21.23 -8.59 0.91
C ILE A 69 -20.75 -9.06 -0.45
N SER A 70 -21.29 -8.47 -1.52
CA SER A 70 -20.97 -8.87 -2.92
C SER A 70 -19.95 -7.96 -3.58
N ASP A 71 -19.78 -6.74 -3.04
CA ASP A 71 -18.92 -5.77 -3.72
C ASP A 71 -18.48 -4.69 -2.77
N VAL A 72 -17.35 -4.08 -3.10
CA VAL A 72 -16.83 -2.94 -2.36
C VAL A 72 -16.20 -1.99 -3.40
N ALA A 73 -16.16 -0.70 -3.10
CA ALA A 73 -15.56 0.30 -3.99
C ALA A 73 -15.00 1.44 -3.15
N TRP A 74 -13.93 2.06 -3.67
CA TRP A 74 -13.20 3.14 -3.02
C TRP A 74 -13.57 4.53 -3.55
N SER A 75 -13.63 5.52 -2.66
CA SER A 75 -13.68 6.93 -3.09
C SER A 75 -12.34 7.34 -3.75
N SER A 76 -12.36 8.42 -4.51
N SER A 76 -12.35 8.41 -4.53
CA SER A 76 -11.19 8.87 -5.28
CA SER A 76 -11.16 8.83 -5.27
C SER A 76 -9.99 9.26 -4.41
C SER A 76 -9.97 9.21 -4.39
N ASP A 77 -10.27 9.70 -3.19
CA ASP A 77 -9.20 10.10 -2.24
C ASP A 77 -8.71 8.93 -1.35
N SER A 78 -9.20 7.71 -1.60
CA SER A 78 -8.81 6.51 -0.84
C SER A 78 -9.24 6.53 0.64
N ASN A 79 -10.08 7.50 1.05
CA ASN A 79 -10.48 7.62 2.45
C ASN A 79 -11.78 6.93 2.81
N LEU A 80 -12.62 6.68 1.80
CA LEU A 80 -13.93 6.05 2.02
C LEU A 80 -14.11 4.77 1.21
N LEU A 81 -14.93 3.85 1.74
CA LEU A 81 -15.40 2.68 1.00
C LEU A 81 -16.91 2.61 1.00
N VAL A 82 -17.48 2.02 -0.04
CA VAL A 82 -18.89 1.68 -0.04
C VAL A 82 -18.94 0.18 -0.27
N SER A 83 -19.89 -0.50 0.37
CA SER A 83 -20.08 -1.95 0.24
C SER A 83 -21.53 -2.19 -0.10
N ALA A 84 -21.79 -3.30 -0.80
CA ALA A 84 -23.14 -3.70 -1.24
C ALA A 84 -23.45 -5.09 -0.69
N SER A 85 -24.57 -5.23 0.02
CA SER A 85 -24.83 -6.43 0.83
C SER A 85 -26.20 -7.07 0.54
N ASP A 86 -26.31 -8.38 0.81
CA ASP A 86 -27.58 -9.09 0.81
C ASP A 86 -28.58 -8.55 1.85
N ASP A 87 -28.08 -7.77 2.82
CA ASP A 87 -28.97 -7.15 3.78
C ASP A 87 -29.75 -5.95 3.21
N LYS A 88 -29.64 -5.74 1.89
CA LYS A 88 -30.45 -4.77 1.12
C LYS A 88 -29.94 -3.35 1.23
N THR A 89 -28.82 -3.20 1.94
CA THR A 89 -28.22 -1.88 2.17
C THR A 89 -26.86 -1.77 1.48
N LEU A 90 -26.46 -0.53 1.23
CA LEU A 90 -25.05 -0.22 1.13
C LEU A 90 -24.59 0.51 2.36
N LYS A 91 -23.32 0.38 2.68
CA LYS A 91 -22.74 1.13 3.77
C LYS A 91 -21.54 1.94 3.29
N ILE A 92 -21.49 3.18 3.74
CA ILE A 92 -20.31 4.03 3.49
C ILE A 92 -19.43 4.01 4.74
N TRP A 93 -18.16 3.61 4.57
CA TRP A 93 -17.22 3.46 5.69
C TRP A 93 -16.08 4.48 5.67
N ASP A 94 -15.69 4.95 6.85
CA ASP A 94 -14.42 5.70 6.98
C ASP A 94 -13.33 4.66 7.18
N VAL A 95 -12.44 4.51 6.20
CA VAL A 95 -11.44 3.43 6.21
C VAL A 95 -10.46 3.54 7.40
N SER A 96 -10.08 4.76 7.73
CA SER A 96 -9.12 4.99 8.82
C SER A 96 -9.70 4.60 10.18
N SER A 97 -10.98 4.91 10.44
CA SER A 97 -11.61 4.56 11.72
C SER A 97 -12.35 3.21 11.71
N GLY A 98 -12.73 2.74 10.52
CA GLY A 98 -13.55 1.53 10.38
C GLY A 98 -15.04 1.77 10.65
N LYS A 99 -15.40 3.03 10.93
CA LYS A 99 -16.77 3.34 11.29
C LYS A 99 -17.69 3.42 10.08
N CYS A 100 -18.90 2.88 10.24
CA CYS A 100 -19.98 3.12 9.29
C CYS A 100 -20.50 4.58 9.37
N LEU A 101 -20.31 5.34 8.28
CA LEU A 101 -20.73 6.74 8.23
C LEU A 101 -22.21 6.89 7.85
N LYS A 102 -22.66 6.04 6.91
CA LYS A 102 -24.02 6.09 6.38
C LYS A 102 -24.45 4.67 5.99
N THR A 103 -25.72 4.37 6.24
CA THR A 103 -26.36 3.19 5.69
C THR A 103 -27.37 3.65 4.63
N LEU A 104 -27.18 3.11 3.42
CA LEU A 104 -27.93 3.57 2.23
C LEU A 104 -29.10 2.62 2.05
N LYS A 105 -30.30 3.12 2.33
CA LYS A 105 -31.49 2.28 2.34
C LYS A 105 -32.45 2.69 1.25
N GLY A 106 -33.03 1.69 0.59
CA GLY A 106 -33.94 1.94 -0.51
C GLY A 106 -34.14 0.71 -1.36
N HIS A 107 -33.07 -0.06 -1.61
CA HIS A 107 -33.22 -1.31 -2.39
C HIS A 107 -34.15 -2.27 -1.63
N SER A 108 -34.94 -3.03 -2.38
CA SER A 108 -35.88 -3.99 -1.81
C SER A 108 -35.39 -5.45 -1.85
N ASN A 109 -34.15 -5.64 -2.32
CA ASN A 109 -33.57 -6.99 -2.40
C ASN A 109 -32.04 -6.81 -2.35
N TYR A 110 -31.31 -7.92 -2.50
CA TYR A 110 -29.83 -7.89 -2.39
C TYR A 110 -29.20 -6.80 -3.24
N VAL A 111 -28.28 -6.05 -2.64
CA VAL A 111 -27.45 -5.09 -3.37
C VAL A 111 -26.21 -5.86 -3.82
N PHE A 112 -25.98 -5.86 -5.14
CA PHE A 112 -24.99 -6.73 -5.77
C PHE A 112 -23.67 -6.02 -6.12
N CYS A 113 -23.77 -4.74 -6.51
CA CYS A 113 -22.66 -4.02 -7.14
C CYS A 113 -22.73 -2.55 -6.80
N CYS A 114 -21.57 -1.90 -6.75
CA CYS A 114 -21.46 -0.51 -6.31
C CYS A 114 -20.17 0.13 -6.82
N ASN A 115 -20.21 1.45 -6.99
CA ASN A 115 -19.06 2.24 -7.43
C ASN A 115 -19.28 3.72 -7.08
N PHE A 116 -18.21 4.43 -6.71
CA PHE A 116 -18.23 5.88 -6.66
C PHE A 116 -18.05 6.43 -8.09
N ASN A 117 -18.50 7.66 -8.32
CA ASN A 117 -18.11 8.42 -9.53
C ASN A 117 -16.69 9.02 -9.30
N PRO A 118 -16.04 9.51 -10.36
CA PRO A 118 -14.71 10.12 -10.21
C PRO A 118 -14.59 11.25 -9.17
N GLN A 119 -15.59 12.12 -9.11
CA GLN A 119 -15.61 13.14 -8.07
C GLN A 119 -15.87 12.53 -6.69
N SER A 120 -16.55 11.39 -6.65
CA SER A 120 -16.92 10.68 -5.39
C SER A 120 -17.95 11.42 -4.52
N ASN A 121 -18.77 12.26 -5.16
CA ASN A 121 -19.94 12.84 -4.50
C ASN A 121 -21.15 11.94 -4.71
N LEU A 122 -21.00 10.94 -5.59
CA LEU A 122 -22.07 10.02 -5.89
C LEU A 122 -21.62 8.56 -5.78
N ILE A 123 -22.60 7.70 -5.53
CA ILE A 123 -22.42 6.26 -5.56
C ILE A 123 -23.56 5.71 -6.40
N VAL A 124 -23.22 4.76 -7.28
CA VAL A 124 -24.18 3.99 -8.05
C VAL A 124 -24.20 2.55 -7.54
N SER A 125 -25.41 2.00 -7.44
CA SER A 125 -25.62 0.61 -7.00
C SER A 125 -26.55 -0.13 -7.94
N GLY A 126 -26.38 -1.45 -7.99
CA GLY A 126 -27.22 -2.35 -8.77
C GLY A 126 -27.73 -3.40 -7.83
N SER A 127 -28.98 -3.83 -8.02
CA SER A 127 -29.63 -4.76 -7.11
C SER A 127 -30.40 -5.91 -7.80
N PHE A 128 -30.62 -6.99 -7.06
CA PHE A 128 -31.54 -8.06 -7.48
C PHE A 128 -32.97 -7.55 -7.68
N ASP A 129 -33.28 -6.39 -7.10
CA ASP A 129 -34.60 -5.77 -7.27
C ASP A 129 -34.75 -5.13 -8.67
N GLU A 130 -33.73 -5.34 -9.50
CA GLU A 130 -33.71 -4.95 -10.93
C GLU A 130 -33.53 -3.45 -11.19
N SER A 131 -33.24 -2.68 -10.14
CA SER A 131 -33.03 -1.24 -10.31
C SER A 131 -31.55 -0.85 -10.16
N VAL A 132 -31.25 0.35 -10.65
CA VAL A 132 -29.98 1.02 -10.43
C VAL A 132 -30.31 2.25 -9.61
N ARG A 133 -29.63 2.43 -8.48
CA ARG A 133 -29.85 3.64 -7.68
C ARG A 133 -28.61 4.53 -7.68
N ILE A 134 -28.87 5.84 -7.65
CA ILE A 134 -27.82 6.84 -7.55
C ILE A 134 -27.98 7.58 -6.20
N TRP A 135 -26.90 7.59 -5.43
CA TRP A 135 -26.92 8.08 -4.04
C TRP A 135 -26.02 9.27 -3.82
N ASP A 136 -26.48 10.21 -3.00
CA ASP A 136 -25.67 11.33 -2.56
C ASP A 136 -24.75 10.89 -1.42
N VAL A 137 -23.44 10.93 -1.65
CA VAL A 137 -22.48 10.46 -0.64
C VAL A 137 -22.63 11.22 0.68
N LYS A 138 -22.67 12.55 0.59
CA LYS A 138 -22.72 13.42 1.79
C LYS A 138 -23.92 13.15 2.70
N THR A 139 -25.11 13.05 2.10
CA THR A 139 -26.34 12.88 2.88
C THR A 139 -26.75 11.41 3.05
N GLY A 140 -26.29 10.56 2.14
CA GLY A 140 -26.75 9.17 2.12
C GLY A 140 -28.11 9.00 1.49
N LYS A 141 -28.69 10.09 0.99
CA LYS A 141 -30.03 10.01 0.39
C LYS A 141 -29.94 9.50 -1.04
N CYS A 142 -30.95 8.71 -1.43
CA CYS A 142 -31.11 8.24 -2.80
C CYS A 142 -31.60 9.38 -3.71
N LEU A 143 -30.78 9.74 -4.67
CA LEU A 143 -31.13 10.81 -5.61
C LEU A 143 -32.04 10.33 -6.73
N LYS A 144 -31.71 9.18 -7.33
CA LYS A 144 -32.52 8.62 -8.42
C LYS A 144 -32.62 7.12 -8.31
N THR A 145 -33.80 6.61 -8.64
CA THR A 145 -34.00 5.16 -8.86
C THR A 145 -34.31 4.92 -10.35
N LEU A 146 -33.42 4.21 -11.03
CA LEU A 146 -33.64 3.89 -12.45
C LEU A 146 -34.26 2.49 -12.61
N PRO A 147 -35.39 2.39 -13.35
CA PRO A 147 -35.97 1.05 -13.63
C PRO A 147 -35.13 0.42 -14.75
N ALA A 148 -33.94 -0.06 -14.37
CA ALA A 148 -32.88 -0.23 -15.32
C ALA A 148 -33.04 -1.48 -16.18
N HIS A 149 -33.56 -2.54 -15.55
CA HIS A 149 -33.53 -3.89 -16.10
C HIS A 149 -34.74 -4.70 -15.64
N SER A 150 -34.89 -5.92 -16.18
CA SER A 150 -36.04 -6.75 -15.88
C SER A 150 -35.57 -8.06 -15.23
N ASP A 151 -34.34 -8.03 -14.72
CA ASP A 151 -33.74 -9.09 -13.92
C ASP A 151 -32.65 -8.45 -13.04
N PRO A 152 -32.08 -9.23 -12.09
CA PRO A 152 -30.96 -8.74 -11.27
C PRO A 152 -29.87 -7.97 -12.03
N VAL A 153 -29.46 -6.85 -11.45
CA VAL A 153 -28.43 -5.98 -12.00
C VAL A 153 -27.06 -6.51 -11.51
N SER A 154 -26.25 -6.96 -12.45
CA SER A 154 -24.97 -7.63 -12.11
C SER A 154 -23.77 -6.69 -11.93
N ALA A 155 -23.80 -5.54 -12.61
CA ALA A 155 -22.70 -4.58 -12.51
C ALA A 155 -23.15 -3.15 -12.77
N VAL A 156 -22.43 -2.21 -12.16
CA VAL A 156 -22.64 -0.79 -12.41
C VAL A 156 -21.27 -0.08 -12.37
N HIS A 157 -21.02 0.85 -13.29
CA HIS A 157 -19.70 1.54 -13.39
C HIS A 157 -19.89 2.93 -14.00
N PHE A 158 -19.27 3.94 -13.39
CA PHE A 158 -19.21 5.29 -14.01
C PHE A 158 -18.10 5.37 -15.04
N ASN A 159 -18.28 6.23 -16.05
CA ASN A 159 -17.22 6.49 -17.00
C ASN A 159 -16.21 7.50 -16.42
N ARG A 160 -15.24 7.89 -17.25
CA ARG A 160 -14.02 8.59 -16.81
C ARG A 160 -14.28 9.89 -16.01
N ASP A 161 -15.34 10.60 -16.40
CA ASP A 161 -15.73 11.84 -15.73
C ASP A 161 -17.04 11.75 -14.93
N GLY A 162 -17.64 10.55 -14.92
CA GLY A 162 -18.90 10.34 -14.22
C GLY A 162 -20.17 10.78 -14.93
N SER A 163 -20.05 11.30 -16.16
CA SER A 163 -21.27 11.73 -16.89
C SER A 163 -22.19 10.54 -17.29
N LEU A 164 -21.62 9.35 -17.40
CA LEU A 164 -22.37 8.16 -17.79
C LEU A 164 -22.22 7.01 -16.78
N ILE A 165 -23.25 6.17 -16.75
CA ILE A 165 -23.27 4.92 -15.98
C ILE A 165 -23.48 3.78 -16.98
N VAL A 166 -22.67 2.73 -16.89
CA VAL A 166 -22.98 1.50 -17.63
C VAL A 166 -23.54 0.46 -16.62
N SER A 167 -24.61 -0.20 -17.01
CA SER A 167 -25.14 -1.33 -16.23
C SER A 167 -25.27 -2.60 -17.06
N SER A 168 -25.26 -3.75 -16.36
CA SER A 168 -25.51 -5.06 -16.94
C SER A 168 -26.48 -5.87 -16.09
N SER A 169 -27.12 -6.85 -16.73
CA SER A 169 -28.16 -7.63 -16.09
C SER A 169 -28.27 -9.05 -16.64
N TYR A 170 -28.78 -9.94 -15.78
CA TYR A 170 -29.23 -11.25 -16.20
C TYR A 170 -30.34 -11.23 -17.26
N ASP A 171 -30.96 -10.07 -17.48
CA ASP A 171 -31.94 -9.89 -18.59
C ASP A 171 -31.30 -9.92 -19.96
N GLY A 172 -29.97 -9.98 -19.99
CA GLY A 172 -29.24 -10.10 -21.25
C GLY A 172 -28.82 -8.76 -21.81
N LEU A 173 -29.07 -7.67 -21.09
CA LEU A 173 -28.79 -6.36 -21.64
C LEU A 173 -27.63 -5.64 -20.97
N CYS A 174 -26.95 -4.79 -21.74
N CYS A 174 -26.94 -4.82 -21.76
CA CYS A 174 -26.08 -3.75 -21.20
CA CYS A 174 -26.12 -3.75 -21.22
C CYS A 174 -26.61 -2.38 -21.64
C CYS A 174 -26.81 -2.45 -21.60
N ARG A 175 -26.87 -1.54 -20.65
CA ARG A 175 -27.46 -0.22 -20.89
C ARG A 175 -26.55 0.89 -20.40
N ILE A 176 -26.52 1.99 -21.14
CA ILE A 176 -25.77 3.18 -20.74
C ILE A 176 -26.75 4.28 -20.40
N TRP A 177 -26.51 4.92 -19.25
CA TRP A 177 -27.41 5.91 -18.64
C TRP A 177 -26.72 7.25 -18.54
N ASP A 178 -27.49 8.31 -18.81
CA ASP A 178 -27.02 9.68 -18.53
C ASP A 178 -27.13 9.93 -17.03
N THR A 179 -25.97 10.11 -16.38
CA THR A 179 -25.98 10.27 -14.91
C THR A 179 -26.91 11.40 -14.43
N ALA A 180 -26.85 12.55 -15.11
CA ALA A 180 -27.56 13.76 -14.65
C ALA A 180 -29.10 13.63 -14.68
N SER A 181 -29.62 13.00 -15.73
CA SER A 181 -31.07 12.93 -15.98
C SER A 181 -31.70 11.58 -15.62
N GLY A 182 -30.86 10.55 -15.55
CA GLY A 182 -31.33 9.17 -15.32
C GLY A 182 -31.80 8.46 -16.59
N GLN A 183 -31.75 9.17 -17.72
CA GLN A 183 -32.30 8.66 -18.96
C GLN A 183 -31.33 7.70 -19.64
N CYS A 184 -31.89 6.73 -20.34
CA CYS A 184 -31.12 5.72 -21.04
C CYS A 184 -30.67 6.28 -22.39
N LEU A 185 -29.36 6.27 -22.61
CA LEU A 185 -28.78 6.72 -23.86
C LEU A 185 -28.67 5.60 -24.90
N LYS A 186 -28.53 4.37 -24.43
CA LYS A 186 -28.26 3.23 -25.32
C LYS A 186 -28.49 1.88 -24.62
N THR A 187 -29.06 0.95 -25.39
CA THR A 187 -29.07 -0.48 -25.05
C THR A 187 -28.22 -1.18 -26.11
N LEU A 188 -27.16 -1.86 -25.67
CA LEU A 188 -26.29 -2.56 -26.60
C LEU A 188 -27.06 -3.61 -27.41
N ILE A 189 -26.84 -3.56 -28.73
CA ILE A 189 -27.56 -4.43 -29.68
C ILE A 189 -26.75 -5.69 -30.01
N ASP A 190 -27.23 -6.81 -29.46
CA ASP A 190 -26.69 -8.13 -29.80
C ASP A 190 -27.86 -9.00 -30.30
N ASP A 191 -27.57 -9.92 -31.21
CA ASP A 191 -28.60 -10.86 -31.72
C ASP A 191 -29.07 -11.85 -30.66
N ASP A 192 -28.24 -12.09 -29.66
CA ASP A 192 -28.60 -13.02 -28.60
C ASP A 192 -28.51 -12.34 -27.22
N ASN A 193 -29.08 -12.99 -26.20
CA ASN A 193 -29.16 -12.39 -24.86
C ASN A 193 -28.85 -13.33 -23.69
N PRO A 194 -27.64 -13.95 -23.67
CA PRO A 194 -27.23 -14.65 -22.46
C PRO A 194 -27.07 -13.64 -21.32
N PRO A 195 -27.19 -14.09 -20.06
CA PRO A 195 -27.01 -13.16 -18.95
C PRO A 195 -25.72 -12.37 -19.09
N VAL A 196 -25.80 -11.07 -18.87
CA VAL A 196 -24.59 -10.23 -18.81
C VAL A 196 -24.17 -10.16 -17.36
N SER A 197 -23.04 -10.77 -17.04
CA SER A 197 -22.60 -10.95 -15.66
C SER A 197 -21.65 -9.86 -15.14
N PHE A 198 -21.16 -9.03 -16.03
CA PHE A 198 -20.18 -8.02 -15.67
C PHE A 198 -20.04 -6.99 -16.77
N VAL A 199 -19.91 -5.72 -16.37
CA VAL A 199 -19.60 -4.64 -17.31
C VAL A 199 -18.77 -3.51 -16.66
N LYS A 200 -17.92 -2.87 -17.46
CA LYS A 200 -17.03 -1.81 -17.01
C LYS A 200 -16.58 -0.94 -18.21
N PHE A 201 -16.52 0.37 -18.03
CA PHE A 201 -15.89 1.26 -19.02
C PHE A 201 -14.38 1.06 -19.06
N SER A 202 -13.79 1.31 -20.23
CA SER A 202 -12.34 1.37 -20.36
C SER A 202 -11.88 2.63 -19.63
N PRO A 203 -10.59 2.72 -19.28
CA PRO A 203 -10.17 3.97 -18.60
C PRO A 203 -10.39 5.28 -19.38
N ASN A 204 -10.39 5.25 -20.71
CA ASN A 204 -10.67 6.47 -21.48
C ASN A 204 -12.17 6.68 -21.77
N GLY A 205 -12.99 5.74 -21.29
CA GLY A 205 -14.45 5.81 -21.41
C GLY A 205 -15.04 5.55 -22.79
N LYS A 206 -14.19 5.20 -23.75
CA LYS A 206 -14.65 4.96 -25.11
C LYS A 206 -15.22 3.55 -25.31
N TYR A 207 -14.68 2.58 -24.57
CA TYR A 207 -15.05 1.18 -24.74
C TYR A 207 -15.74 0.63 -23.49
N ILE A 208 -16.49 -0.45 -23.70
CA ILE A 208 -17.11 -1.15 -22.58
C ILE A 208 -16.70 -2.63 -22.67
N LEU A 209 -16.22 -3.16 -21.54
CA LEU A 209 -15.91 -4.56 -21.42
C LEU A 209 -17.10 -5.27 -20.75
N ALA A 210 -17.67 -6.25 -21.45
CA ALA A 210 -18.86 -6.97 -20.99
C ALA A 210 -18.59 -8.45 -20.95
N ALA A 211 -18.92 -9.09 -19.82
CA ALA A 211 -18.88 -10.55 -19.73
C ALA A 211 -20.27 -11.12 -19.85
N THR A 212 -20.37 -12.27 -20.51
CA THR A 212 -21.64 -13.02 -20.60
C THR A 212 -21.41 -14.46 -20.16
N LEU A 213 -22.47 -15.09 -19.64
CA LEU A 213 -22.34 -16.43 -19.06
C LEU A 213 -22.34 -17.53 -20.12
N ASP A 214 -21.61 -17.27 -21.20
CA ASP A 214 -21.33 -18.24 -22.25
C ASP A 214 -19.82 -18.25 -22.50
N ASN A 215 -19.07 -18.07 -21.40
CA ASN A 215 -17.60 -18.12 -21.41
C ASN A 215 -16.97 -17.08 -22.33
N THR A 216 -17.54 -15.88 -22.36
CA THR A 216 -17.16 -14.86 -23.36
C THR A 216 -17.08 -13.46 -22.74
N LEU A 217 -15.96 -12.79 -22.99
CA LEU A 217 -15.78 -11.37 -22.76
C LEU A 217 -15.76 -10.64 -24.11
N LYS A 218 -16.41 -9.49 -24.16
CA LYS A 218 -16.41 -8.62 -25.34
C LYS A 218 -16.04 -7.17 -25.05
N LEU A 219 -15.19 -6.63 -25.89
CA LEU A 219 -14.93 -5.19 -25.88
C LEU A 219 -15.80 -4.48 -26.92
N TRP A 220 -16.66 -3.60 -26.43
CA TRP A 220 -17.59 -2.85 -27.25
C TRP A 220 -17.15 -1.39 -27.41
N ASP A 221 -17.24 -0.88 -28.63
CA ASP A 221 -17.08 0.56 -28.88
C ASP A 221 -18.40 1.18 -28.47
N TYR A 222 -18.38 2.06 -27.47
CA TYR A 222 -19.62 2.69 -26.98
C TYR A 222 -20.25 3.64 -28.01
N SER A 223 -19.47 4.57 -28.56
CA SER A 223 -19.97 5.49 -29.59
C SER A 223 -20.64 4.79 -30.79
N LYS A 224 -20.03 3.69 -31.28
CA LYS A 224 -20.54 2.98 -32.48
C LYS A 224 -21.56 1.88 -32.20
N GLY A 225 -21.64 1.43 -30.95
CA GLY A 225 -22.48 0.28 -30.58
C GLY A 225 -22.00 -1.04 -31.17
N LYS A 226 -20.68 -1.16 -31.33
CA LYS A 226 -20.07 -2.28 -32.08
C LYS A 226 -19.09 -3.09 -31.26
N CYS A 227 -19.16 -4.41 -31.39
CA CYS A 227 -18.20 -5.29 -30.71
C CYS A 227 -16.87 -5.28 -31.47
N LEU A 228 -15.82 -4.81 -30.80
CA LEU A 228 -14.50 -4.73 -31.42
C LEU A 228 -13.60 -5.93 -31.17
N LYS A 229 -13.70 -6.52 -29.98
CA LYS A 229 -12.84 -7.64 -29.60
C LYS A 229 -13.64 -8.69 -28.85
N THR A 230 -13.21 -9.94 -28.94
CA THR A 230 -13.73 -11.03 -28.11
C THR A 230 -12.58 -11.80 -27.45
N TYR A 231 -12.77 -12.14 -26.18
CA TYR A 231 -11.77 -12.90 -25.41
C TYR A 231 -12.41 -14.16 -24.89
N THR A 232 -11.79 -15.30 -25.20
CA THR A 232 -12.36 -16.60 -24.84
C THR A 232 -11.25 -17.54 -24.38
N GLY A 233 -11.64 -18.78 -24.04
CA GLY A 233 -10.72 -19.80 -23.54
C GLY A 233 -10.86 -20.06 -22.05
N HIS A 234 -11.44 -19.11 -21.33
CA HIS A 234 -11.69 -19.24 -19.90
C HIS A 234 -13.08 -19.85 -19.64
N LYS A 235 -13.40 -20.13 -18.38
CA LYS A 235 -14.71 -20.67 -18.02
C LYS A 235 -15.54 -19.63 -17.26
N ASN A 236 -16.68 -19.28 -17.82
CA ASN A 236 -17.59 -18.38 -17.14
C ASN A 236 -19.05 -18.57 -17.53
N GLU A 237 -19.73 -19.46 -16.79
CA GLU A 237 -21.12 -19.85 -17.09
C GLU A 237 -22.05 -19.70 -15.89
N LYS A 238 -21.45 -19.39 -14.75
CA LYS A 238 -22.19 -19.47 -13.49
C LYS A 238 -22.12 -18.20 -12.65
N TYR A 239 -20.94 -17.61 -12.52
CA TYR A 239 -20.75 -16.55 -11.53
C TYR A 239 -20.53 -15.20 -12.17
N CYS A 240 -20.87 -14.14 -11.43
CA CYS A 240 -20.53 -12.79 -11.85
C CYS A 240 -19.08 -12.47 -11.46
N ILE A 241 -18.20 -12.74 -12.41
CA ILE A 241 -16.76 -12.60 -12.28
C ILE A 241 -16.33 -11.24 -12.83
N PHE A 242 -15.55 -10.51 -12.04
CA PHE A 242 -14.95 -9.23 -12.43
C PHE A 242 -13.94 -9.39 -13.55
N ALA A 243 -13.83 -8.37 -14.40
CA ALA A 243 -12.78 -8.34 -15.42
C ALA A 243 -12.13 -6.95 -15.35
N ASN A 244 -10.93 -6.84 -15.91
CA ASN A 244 -10.18 -5.58 -15.84
C ASN A 244 -9.39 -5.21 -17.11
N PHE A 245 -9.10 -3.92 -17.20
CA PHE A 245 -8.08 -3.40 -18.11
C PHE A 245 -6.80 -3.23 -17.29
N SER A 246 -5.75 -3.98 -17.63
CA SER A 246 -4.43 -3.75 -17.06
C SER A 246 -3.70 -2.76 -17.97
N VAL A 247 -3.32 -1.61 -17.40
CA VAL A 247 -2.75 -0.51 -18.21
C VAL A 247 -1.34 -0.07 -17.79
N THR A 248 -0.86 -0.57 -16.66
CA THR A 248 0.43 -0.15 -16.09
C THR A 248 1.67 -0.59 -16.91
N GLY A 249 1.59 -1.77 -17.52
CA GLY A 249 2.66 -2.29 -18.38
C GLY A 249 2.10 -2.55 -19.77
N GLY A 250 2.07 -3.81 -20.19
CA GLY A 250 1.41 -4.17 -21.44
C GLY A 250 -0.09 -3.89 -21.34
N LYS A 251 -0.76 -3.79 -22.48
CA LYS A 251 -2.20 -3.51 -22.42
C LYS A 251 -2.92 -4.84 -22.46
N TRP A 252 -3.38 -5.26 -21.28
CA TRP A 252 -4.03 -6.56 -21.13
C TRP A 252 -5.49 -6.45 -20.70
N ILE A 253 -6.22 -7.53 -20.92
CA ILE A 253 -7.49 -7.75 -20.28
C ILE A 253 -7.24 -8.85 -19.23
N VAL A 254 -7.80 -8.69 -18.03
CA VAL A 254 -7.61 -9.66 -16.94
C VAL A 254 -8.98 -10.13 -16.38
N SER A 255 -9.12 -11.44 -16.18
CA SER A 255 -10.34 -11.99 -15.61
C SER A 255 -10.08 -13.20 -14.71
N GLY A 256 -10.96 -13.38 -13.73
CA GLY A 256 -11.03 -14.66 -13.04
C GLY A 256 -11.71 -15.70 -13.91
N SER A 257 -11.83 -16.91 -13.39
CA SER A 257 -12.34 -18.02 -14.18
C SER A 257 -12.85 -19.12 -13.28
N GLU A 258 -13.81 -19.89 -13.78
CA GLU A 258 -14.41 -20.95 -13.00
C GLU A 258 -13.60 -22.26 -13.04
N ASP A 259 -12.46 -22.24 -13.72
CA ASP A 259 -11.46 -23.32 -13.68
C ASP A 259 -10.28 -23.03 -12.71
N ASN A 260 -10.48 -22.06 -11.80
CA ASN A 260 -9.56 -21.70 -10.72
C ASN A 260 -8.31 -20.91 -11.16
N LEU A 261 -8.37 -20.31 -12.35
CA LEU A 261 -7.22 -19.61 -12.90
C LEU A 261 -7.52 -18.14 -13.12
N VAL A 262 -6.48 -17.32 -13.03
CA VAL A 262 -6.55 -15.96 -13.57
C VAL A 262 -6.13 -16.02 -15.04
N TYR A 263 -6.95 -15.41 -15.91
CA TYR A 263 -6.64 -15.32 -17.34
C TYR A 263 -6.19 -13.94 -17.70
N ILE A 264 -5.11 -13.87 -18.47
CA ILE A 264 -4.65 -12.59 -19.04
C ILE A 264 -4.56 -12.65 -20.57
N TRP A 265 -5.22 -11.71 -21.25
CA TRP A 265 -5.22 -11.66 -22.73
C TRP A 265 -4.53 -10.39 -23.22
N ASN A 266 -3.84 -10.48 -24.36
CA ASN A 266 -3.44 -9.26 -25.10
C ASN A 266 -4.71 -8.56 -25.61
N LEU A 267 -4.92 -7.31 -25.20
CA LEU A 267 -6.17 -6.60 -25.50
C LEU A 267 -6.46 -6.53 -27.02
N GLN A 268 -5.42 -6.22 -27.78
CA GLN A 268 -5.55 -6.00 -29.22
C GLN A 268 -5.60 -7.30 -30.01
N THR A 269 -4.68 -8.22 -29.74
CA THR A 269 -4.62 -9.49 -30.48
C THR A 269 -5.66 -10.51 -30.00
N LYS A 270 -6.06 -10.41 -28.72
CA LYS A 270 -6.99 -11.33 -28.04
C LYS A 270 -6.37 -12.68 -27.67
N GLU A 271 -5.06 -12.79 -27.82
CA GLU A 271 -4.35 -13.99 -27.40
C GLU A 271 -4.22 -14.05 -25.87
N ILE A 272 -4.42 -15.24 -25.31
CA ILE A 272 -4.06 -15.54 -23.93
C ILE A 272 -2.53 -15.46 -23.82
N VAL A 273 -2.06 -14.53 -23.00
CA VAL A 273 -0.62 -14.34 -22.78
C VAL A 273 -0.16 -14.93 -21.43
N GLN A 274 -1.09 -15.14 -20.51
CA GLN A 274 -0.78 -15.80 -19.23
C GLN A 274 -2.03 -16.33 -18.53
N LYS A 275 -1.85 -17.47 -17.87
CA LYS A 275 -2.85 -18.07 -17.00
C LYS A 275 -2.20 -18.33 -15.65
N LEU A 276 -2.71 -17.69 -14.61
CA LEU A 276 -2.14 -17.82 -13.26
C LEU A 276 -2.75 -18.97 -12.44
N GLN A 277 -1.92 -19.95 -12.08
CA GLN A 277 -2.40 -21.07 -11.27
C GLN A 277 -2.00 -20.92 -9.80
N GLY A 278 -2.84 -21.44 -8.92
CA GLY A 278 -2.63 -21.30 -7.51
C GLY A 278 -3.88 -21.44 -6.71
N HIS A 279 -4.97 -20.80 -7.16
CA HIS A 279 -6.22 -20.88 -6.43
C HIS A 279 -6.79 -22.28 -6.50
N THR A 280 -7.56 -22.62 -5.47
CA THR A 280 -8.17 -23.94 -5.34
C THR A 280 -9.72 -23.88 -5.41
N ASP A 281 -10.25 -22.76 -5.91
CA ASP A 281 -11.67 -22.59 -6.17
C ASP A 281 -11.84 -21.49 -7.23
N VAL A 282 -13.07 -21.36 -7.73
CA VAL A 282 -13.42 -20.31 -8.68
C VAL A 282 -12.79 -18.98 -8.30
N VAL A 283 -12.10 -18.36 -9.26
CA VAL A 283 -11.54 -17.02 -9.08
C VAL A 283 -12.64 -16.05 -9.49
N ILE A 284 -13.30 -15.52 -8.47
CA ILE A 284 -14.49 -14.67 -8.64
C ILE A 284 -14.12 -13.21 -8.97
N SER A 285 -12.95 -12.78 -8.49
CA SER A 285 -12.60 -11.38 -8.55
C SER A 285 -11.13 -11.19 -8.81
N THR A 286 -10.84 -10.23 -9.67
CA THR A 286 -9.49 -9.78 -9.95
C THR A 286 -9.50 -8.25 -9.96
N ALA A 287 -8.36 -7.67 -9.59
CA ALA A 287 -8.18 -6.23 -9.62
C ALA A 287 -6.75 -5.94 -10.10
N CYS A 288 -6.59 -4.82 -10.79
CA CYS A 288 -5.28 -4.39 -11.31
C CYS A 288 -4.84 -3.14 -10.56
N HIS A 289 -3.64 -3.20 -9.99
CA HIS A 289 -3.06 -2.05 -9.26
C HIS A 289 -2.96 -0.78 -10.13
N PRO A 290 -3.25 0.41 -9.55
CA PRO A 290 -3.26 1.61 -10.40
C PRO A 290 -1.90 2.06 -11.02
N THR A 291 -0.76 1.69 -10.43
CA THR A 291 0.57 2.13 -10.93
C THR A 291 1.61 1.01 -11.15
N GLU A 292 1.54 -0.08 -10.38
CA GLU A 292 2.45 -1.20 -10.57
C GLU A 292 1.76 -2.34 -11.31
N ASN A 293 2.56 -3.22 -11.92
CA ASN A 293 2.08 -4.47 -12.52
C ASN A 293 1.81 -5.50 -11.42
N ILE A 294 0.71 -5.29 -10.71
CA ILE A 294 0.31 -6.10 -9.58
C ILE A 294 -1.17 -6.46 -9.80
N ILE A 295 -1.47 -7.76 -9.75
CA ILE A 295 -2.85 -8.24 -9.75
C ILE A 295 -3.20 -8.81 -8.37
N ALA A 296 -4.41 -8.52 -7.88
CA ALA A 296 -5.01 -9.22 -6.73
C ALA A 296 -6.13 -10.08 -7.28
N SER A 297 -6.19 -11.34 -6.83
CA SER A 297 -7.23 -12.30 -7.20
C SER A 297 -7.82 -12.91 -5.94
N ALA A 298 -9.07 -13.38 -6.01
CA ALA A 298 -9.70 -13.95 -4.83
C ALA A 298 -10.67 -15.03 -5.27
N ALA A 299 -10.93 -15.99 -4.38
CA ALA A 299 -11.64 -17.22 -4.72
C ALA A 299 -12.76 -17.61 -3.74
N LEU A 300 -13.55 -18.59 -4.18
CA LEU A 300 -14.70 -19.04 -3.47
C LEU A 300 -14.28 -19.98 -2.31
N GLU A 301 -15.26 -20.59 -1.64
CA GLU A 301 -15.06 -21.12 -0.28
C GLU A 301 -14.13 -22.35 -0.12
N ASN A 302 -13.77 -23.04 -1.20
CA ASN A 302 -12.76 -24.11 -1.04
C ASN A 302 -11.36 -23.52 -0.78
N ASP A 303 -11.26 -22.19 -0.94
CA ASP A 303 -9.99 -21.49 -0.98
C ASP A 303 -10.04 -20.34 0.07
N LYS A 304 -10.91 -19.36 -0.16
CA LYS A 304 -11.15 -18.24 0.77
C LYS A 304 -9.98 -17.26 0.88
N THR A 305 -8.98 -17.38 0.00
CA THR A 305 -7.81 -16.51 0.04
C THR A 305 -7.77 -15.53 -1.10
N ILE A 306 -7.00 -14.47 -0.87
CA ILE A 306 -6.70 -13.46 -1.86
C ILE A 306 -5.23 -13.73 -2.22
N LYS A 307 -4.91 -13.65 -3.51
CA LYS A 307 -3.53 -13.76 -3.94
C LYS A 307 -3.07 -12.46 -4.57
N LEU A 308 -1.85 -12.07 -4.24
CA LEU A 308 -1.20 -10.92 -4.84
C LEU A 308 -0.04 -11.38 -5.73
N TRP A 309 -0.06 -10.89 -6.96
CA TRP A 309 0.85 -11.33 -8.02
C TRP A 309 1.54 -10.12 -8.61
N LYS A 310 2.82 -10.26 -8.95
CA LYS A 310 3.55 -9.17 -9.59
C LYS A 310 4.32 -9.60 -10.85
N SER A 311 4.28 -8.73 -11.86
CA SER A 311 4.95 -8.94 -13.15
C SER A 311 6.04 -7.87 -13.43
N ASP A 312 6.97 -8.20 -14.32
CA ASP A 312 7.91 -7.17 -14.82
C ASP A 312 7.32 -6.24 -15.88
N CYS A 313 6.27 -6.70 -16.56
CA CYS A 313 5.60 -5.90 -17.61
C CYS A 313 4.10 -6.20 -17.68
N ALA B 1 -25.40 -14.01 -1.98
CA ALA B 1 -24.34 -13.11 -2.52
C ALA B 1 -23.81 -13.56 -3.92
N ARG B 2 -22.89 -12.76 -4.48
CA ARG B 2 -22.23 -13.01 -5.76
C ARG B 2 -21.45 -14.34 -5.73
N THR B 3 -21.17 -14.82 -4.53
CA THR B 3 -20.42 -16.07 -4.34
C THR B 3 -21.28 -17.35 -4.52
N MLY B 4 -22.58 -17.18 -4.71
CA MLY B 4 -23.51 -18.27 -5.00
CB MLY B 4 -24.69 -18.34 -4.02
CG MLY B 4 -24.28 -18.68 -2.60
CD MLY B 4 -23.49 -19.98 -2.52
CE MLY B 4 -23.40 -20.47 -1.07
NZ MLY B 4 -22.21 -21.32 -0.92
CH1 MLY B 4 -21.93 -21.53 0.52
CH2 MLY B 4 -22.44 -22.63 -1.57
C MLY B 4 -24.07 -18.06 -6.36
O MLY B 4 -24.38 -16.93 -6.73
N GLN B 5 -24.23 -19.12 -7.13
CA GLN B 5 -24.75 -18.91 -8.50
C GLN B 5 -26.26 -18.73 -8.56
N THR B 6 -26.68 -17.72 -9.32
CA THR B 6 -28.08 -17.29 -9.36
C THR B 6 -28.50 -16.97 -10.80
N VAL C 10 -1.70 3.56 31.11
CA VAL C 10 -1.17 2.43 30.27
C VAL C 10 0.26 2.70 29.77
N LYS C 11 1.19 1.82 30.17
CA LYS C 11 2.58 1.91 29.77
C LYS C 11 3.05 0.53 29.27
N PRO C 12 3.97 0.51 28.28
CA PRO C 12 4.54 -0.75 27.83
C PRO C 12 5.41 -1.33 28.93
N ASN C 13 5.77 -2.61 28.79
CA ASN C 13 6.70 -3.25 29.70
C ASN C 13 7.76 -4.04 28.93
N TYR C 14 8.38 -3.37 27.96
CA TYR C 14 9.49 -3.96 27.21
C TYR C 14 10.56 -4.53 28.16
N ALA C 15 10.96 -5.77 27.90
CA ALA C 15 11.97 -6.44 28.70
C ALA C 15 12.89 -7.12 27.73
N LEU C 16 14.16 -7.27 28.10
CA LEU C 16 15.19 -7.76 27.18
C LEU C 16 15.01 -9.25 26.90
N LYS C 17 15.08 -9.62 25.63
CA LYS C 17 14.95 -11.02 25.22
C LYS C 17 16.23 -11.58 24.65
N PHE C 18 16.93 -10.79 23.81
CA PHE C 18 18.18 -11.23 23.18
C PHE C 18 19.19 -10.08 23.01
N THR C 19 20.47 -10.41 23.07
CA THR C 19 21.55 -9.49 22.69
C THR C 19 22.34 -10.12 21.54
N LEU C 20 22.44 -9.38 20.42
CA LEU C 20 23.00 -9.89 19.20
C LEU C 20 24.40 -9.31 18.97
N ALA C 21 25.41 -10.17 19.14
CA ALA C 21 26.81 -9.79 19.03
C ALA C 21 27.35 -10.20 17.68
N GLY C 22 28.24 -9.38 17.12
CA GLY C 22 28.96 -9.81 15.91
C GLY C 22 29.61 -8.70 15.10
N HIS C 23 29.00 -7.51 15.10
CA HIS C 23 29.66 -6.36 14.47
C HIS C 23 30.95 -6.02 15.21
N THR C 24 31.92 -5.50 14.46
CA THR C 24 33.26 -5.25 15.01
C THR C 24 33.53 -3.76 15.17
N LYS C 25 32.54 -2.95 14.79
CA LYS C 25 32.55 -1.52 15.06
C LYS C 25 31.13 -1.11 15.43
N ALA C 26 30.97 0.16 15.79
CA ALA C 26 29.65 0.75 16.05
C ALA C 26 28.58 0.31 15.03
N VAL C 27 27.39 -0.04 15.52
CA VAL C 27 26.25 -0.32 14.66
C VAL C 27 25.62 1.03 14.32
N SER C 28 25.16 1.16 13.09
CA SER C 28 24.61 2.42 12.61
C SER C 28 23.09 2.42 12.48
N SER C 29 22.52 1.29 12.05
CA SER C 29 21.11 1.21 11.70
C SER C 29 20.57 -0.22 11.84
N VAL C 30 19.39 -0.34 12.45
CA VAL C 30 18.61 -1.60 12.48
C VAL C 30 17.20 -1.40 11.88
N LYS C 31 16.75 -2.39 11.12
CA LYS C 31 15.42 -2.33 10.47
C LYS C 31 14.82 -3.74 10.39
N PHE C 32 13.55 -3.87 10.79
CA PHE C 32 12.82 -5.13 10.58
C PHE C 32 12.31 -5.27 9.16
N SER C 33 12.43 -6.47 8.60
CA SER C 33 11.85 -6.76 7.29
C SER C 33 10.31 -6.58 7.38
N PRO C 34 9.69 -6.05 6.31
CA PRO C 34 8.23 -5.88 6.32
C PRO C 34 7.44 -7.16 6.62
N ASN C 35 8.01 -8.33 6.30
CA ASN C 35 7.32 -9.60 6.58
C ASN C 35 7.48 -10.06 8.04
N GLY C 36 8.21 -9.27 8.84
CA GLY C 36 8.40 -9.54 10.27
C GLY C 36 9.44 -10.60 10.62
N GLU C 37 10.06 -11.20 9.61
CA GLU C 37 10.92 -12.39 9.80
C GLU C 37 12.35 -12.09 10.25
N TRP C 38 12.83 -10.93 9.81
CA TRP C 38 14.25 -10.62 9.86
C TRP C 38 14.48 -9.26 10.47
N LEU C 39 15.67 -9.14 11.07
CA LEU C 39 16.25 -7.85 11.36
C LEU C 39 17.54 -7.69 10.55
N ALA C 40 17.64 -6.57 9.84
CA ALA C 40 18.90 -6.22 9.18
C ALA C 40 19.63 -5.16 10.00
N SER C 41 20.94 -5.30 10.12
CA SER C 41 21.76 -4.28 10.79
C SER C 41 22.91 -3.84 9.90
N SER C 42 23.27 -2.56 9.99
CA SER C 42 24.42 -2.03 9.25
C SER C 42 25.43 -1.47 10.25
N SER C 43 26.68 -1.35 9.83
CA SER C 43 27.70 -0.91 10.74
C SER C 43 28.85 -0.15 10.08
N ALA C 44 29.56 0.62 10.91
CA ALA C 44 30.82 1.24 10.56
C ALA C 44 31.84 0.20 10.12
N ASP C 45 31.63 -1.07 10.51
CA ASP C 45 32.50 -2.19 10.08
C ASP C 45 32.37 -2.61 8.58
N LYS C 46 31.54 -1.87 7.81
CA LYS C 46 31.36 -2.09 6.34
C LYS C 46 30.40 -3.23 6.01
N LEU C 47 29.78 -3.82 7.04
CA LEU C 47 28.95 -5.03 6.86
C LEU C 47 27.47 -4.81 7.16
N ILE C 48 26.68 -5.67 6.53
CA ILE C 48 25.28 -5.79 6.84
C ILE C 48 25.14 -7.17 7.47
N LYS C 49 24.43 -7.24 8.59
CA LYS C 49 24.08 -8.54 9.13
C LYS C 49 22.57 -8.76 9.19
N ILE C 50 22.19 -10.02 9.00
CA ILE C 50 20.79 -10.47 9.07
C ILE C 50 20.63 -11.42 10.26
N TRP C 51 19.59 -11.15 11.05
CA TRP C 51 19.26 -11.92 12.24
C TRP C 51 17.77 -12.27 12.18
N GLY C 52 17.41 -13.43 12.76
CA GLY C 52 16.01 -13.83 12.94
C GLY C 52 15.37 -12.89 13.94
N ALA C 53 14.23 -12.33 13.57
CA ALA C 53 13.57 -11.30 14.38
C ALA C 53 13.00 -11.79 15.70
N TYR C 54 12.77 -13.11 15.79
CA TYR C 54 11.98 -13.66 16.90
C TYR C 54 12.85 -14.35 17.95
N ASP C 55 13.91 -15.01 17.48
CA ASP C 55 14.90 -15.63 18.38
C ASP C 55 16.28 -14.97 18.36
N GLY C 56 16.42 -13.87 17.62
CA GLY C 56 17.72 -13.20 17.43
C GLY C 56 18.87 -14.01 16.87
N LYS C 57 18.58 -15.13 16.20
CA LYS C 57 19.64 -15.99 15.65
C LYS C 57 20.34 -15.37 14.42
N PHE C 58 21.67 -15.38 14.44
CA PHE C 58 22.44 -14.84 13.32
C PHE C 58 22.20 -15.65 12.06
N GLU C 59 21.91 -14.96 10.96
CA GLU C 59 21.54 -15.62 9.72
C GLU C 59 22.70 -15.54 8.72
N LYS C 60 23.13 -14.32 8.40
CA LYS C 60 24.21 -14.13 7.44
C LYS C 60 24.82 -12.74 7.53
N THR C 61 26.00 -12.63 6.92
CA THR C 61 26.72 -11.37 6.77
C THR C 61 26.69 -11.03 5.28
N ILE C 62 26.37 -9.77 4.98
CA ILE C 62 26.38 -9.28 3.61
C ILE C 62 27.48 -8.22 3.46
N SER C 63 28.34 -8.38 2.47
CA SER C 63 29.54 -7.54 2.35
C SER C 63 29.84 -7.13 0.90
N GLY C 64 30.63 -6.06 0.76
CA GLY C 64 31.02 -5.58 -0.55
C GLY C 64 31.29 -4.07 -0.56
N HIS C 65 30.67 -3.32 0.35
CA HIS C 65 30.98 -1.89 0.51
C HIS C 65 32.45 -1.68 0.91
N LYS C 66 33.05 -0.57 0.49
CA LYS C 66 34.48 -0.31 0.76
C LYS C 66 34.70 0.49 2.03
N LEU C 67 33.66 1.19 2.48
CA LEU C 67 33.72 1.94 3.74
C LEU C 67 32.46 1.73 4.58
N GLY C 68 32.42 2.39 5.73
CA GLY C 68 31.33 2.24 6.71
C GLY C 68 29.95 2.45 6.10
N ILE C 69 28.95 1.81 6.69
CA ILE C 69 27.56 1.94 6.21
C ILE C 69 26.76 2.69 7.25
N SER C 70 26.02 3.71 6.83
CA SER C 70 25.20 4.51 7.76
C SER C 70 23.72 4.13 7.85
N ASP C 71 23.22 3.41 6.84
CA ASP C 71 21.78 3.10 6.76
C ASP C 71 21.54 1.89 5.89
N VAL C 72 20.44 1.19 6.19
CA VAL C 72 19.98 0.05 5.40
C VAL C 72 18.44 0.12 5.35
N ALA C 73 17.84 -0.32 4.24
CA ALA C 73 16.37 -0.37 4.17
C ALA C 73 15.91 -1.57 3.33
N TRP C 74 14.69 -2.02 3.60
CA TRP C 74 14.10 -3.21 2.98
C TRP C 74 13.10 -2.84 1.90
N SER C 75 13.02 -3.66 0.86
CA SER C 75 11.91 -3.57 -0.09
C SER C 75 10.63 -4.10 0.56
N SER C 76 9.47 -3.68 0.05
CA SER C 76 8.19 -4.11 0.60
C SER C 76 7.95 -5.63 0.62
N ASP C 77 8.50 -6.31 -0.37
CA ASP C 77 8.41 -7.78 -0.45
C ASP C 77 9.50 -8.53 0.36
N SER C 78 10.29 -7.79 1.14
CA SER C 78 11.40 -8.32 1.97
C SER C 78 12.53 -9.04 1.23
N ASN C 79 12.55 -8.95 -0.10
CA ASN C 79 13.51 -9.68 -0.92
C ASN C 79 14.79 -8.90 -1.18
N LEU C 80 14.68 -7.58 -1.08
CA LEU C 80 15.79 -6.70 -1.36
C LEU C 80 16.14 -5.84 -0.16
N LEU C 81 17.42 -5.51 -0.06
CA LEU C 81 17.90 -4.43 0.81
C LEU C 81 18.66 -3.38 0.00
N VAL C 82 18.70 -2.16 0.52
CA VAL C 82 19.56 -1.10 -0.01
C VAL C 82 20.36 -0.58 1.17
N SER C 83 21.64 -0.28 0.93
CA SER C 83 22.50 0.31 1.94
C SER C 83 23.16 1.61 1.46
N ALA C 84 23.48 2.49 2.40
CA ALA C 84 24.07 3.81 2.12
C ALA C 84 25.43 3.87 2.80
N SER C 85 26.48 4.15 2.02
CA SER C 85 27.84 4.02 2.53
C SER C 85 28.71 5.27 2.35
N ASP C 86 29.72 5.39 3.23
CA ASP C 86 30.74 6.43 3.13
C ASP C 86 31.54 6.30 1.83
N ASP C 87 31.40 5.16 1.13
CA ASP C 87 32.11 4.97 -0.13
C ASP C 87 31.43 5.70 -1.31
N LYS C 88 30.42 6.51 -0.97
CA LYS C 88 29.70 7.36 -1.92
C LYS C 88 28.70 6.60 -2.79
N THR C 89 28.51 5.32 -2.51
CA THR C 89 27.55 4.49 -3.24
C THR C 89 26.40 4.01 -2.35
N LEU C 90 25.32 3.63 -2.99
CA LEU C 90 24.37 2.75 -2.34
C LEU C 90 24.48 1.43 -3.07
N LYS C 91 24.15 0.36 -2.37
CA LYS C 91 24.15 -0.94 -3.02
C LYS C 91 22.78 -1.60 -2.82
N ILE C 92 22.27 -2.22 -3.87
CA ILE C 92 21.02 -3.01 -3.78
C ILE C 92 21.43 -4.46 -3.68
N TRP C 93 20.94 -5.14 -2.65
CA TRP C 93 21.33 -6.51 -2.37
C TRP C 93 20.16 -7.45 -2.52
N ASP C 94 20.45 -8.64 -3.04
CA ASP C 94 19.53 -9.76 -2.94
C ASP C 94 19.70 -10.42 -1.57
N VAL C 95 18.66 -10.34 -0.73
CA VAL C 95 18.72 -10.88 0.63
C VAL C 95 19.03 -12.37 0.77
N SER C 96 18.33 -13.21 -0.01
CA SER C 96 18.51 -14.65 0.10
C SER C 96 19.91 -15.11 -0.32
N SER C 97 20.49 -14.47 -1.34
CA SER C 97 21.82 -14.84 -1.85
C SER C 97 22.98 -14.05 -1.24
N GLY C 98 22.70 -12.83 -0.80
CA GLY C 98 23.73 -11.93 -0.26
C GLY C 98 24.41 -11.13 -1.37
N LYS C 99 24.01 -11.36 -2.61
CA LYS C 99 24.74 -10.78 -3.74
C LYS C 99 24.37 -9.34 -3.98
N CYS C 100 25.37 -8.55 -4.33
CA CYS C 100 25.13 -7.16 -4.73
C CYS C 100 24.60 -7.16 -6.16
N LEU C 101 23.35 -6.69 -6.29
CA LEU C 101 22.67 -6.65 -7.60
C LEU C 101 23.01 -5.41 -8.42
N LYS C 102 23.10 -4.26 -7.75
CA LYS C 102 23.43 -2.98 -8.39
C LYS C 102 24.22 -2.11 -7.42
N THR C 103 25.13 -1.34 -7.99
CA THR C 103 25.81 -0.27 -7.26
C THR C 103 25.35 1.06 -7.86
N LEU C 104 24.80 1.90 -6.99
CA LEU C 104 24.17 3.15 -7.38
C LEU C 104 25.20 4.26 -7.17
N LYS C 105 25.69 4.79 -8.29
CA LYS C 105 26.77 5.76 -8.31
C LYS C 105 26.23 7.09 -8.80
N GLY C 106 26.65 8.17 -8.14
CA GLY C 106 26.20 9.51 -8.46
C GLY C 106 26.50 10.53 -7.38
N HIS C 107 26.28 10.16 -6.12
CA HIS C 107 26.68 11.04 -5.01
C HIS C 107 28.20 11.34 -5.04
N SER C 108 28.55 12.57 -4.67
CA SER C 108 29.96 13.00 -4.62
C SER C 108 30.55 13.01 -3.19
N ASN C 109 29.80 12.49 -2.23
CA ASN C 109 30.27 12.42 -0.85
C ASN C 109 29.51 11.30 -0.17
N TYR C 110 29.74 11.10 1.13
CA TYR C 110 29.10 10.02 1.88
C TYR C 110 27.60 9.97 1.68
N VAL C 111 27.11 8.77 1.42
CA VAL C 111 25.68 8.48 1.46
C VAL C 111 25.26 8.08 2.89
N PHE C 112 24.29 8.81 3.40
CA PHE C 112 23.99 8.79 4.83
C PHE C 112 22.67 8.08 5.16
N CYS C 113 21.73 8.13 4.23
CA CYS C 113 20.36 7.66 4.51
C CYS C 113 19.70 7.17 3.25
N CYS C 114 18.78 6.23 3.38
CA CYS C 114 18.16 5.63 2.19
C CYS C 114 16.85 5.00 2.58
N ASN C 115 15.97 4.80 1.58
CA ASN C 115 14.65 4.21 1.82
C ASN C 115 14.07 3.81 0.45
N PHE C 116 13.37 2.67 0.40
CA PHE C 116 12.53 2.31 -0.76
C PHE C 116 11.18 3.03 -0.62
N ASN C 117 10.53 3.34 -1.74
CA ASN C 117 9.11 3.69 -1.67
C ASN C 117 8.28 2.43 -1.35
N PRO C 118 7.01 2.60 -0.93
CA PRO C 118 6.19 1.40 -0.70
C PRO C 118 6.13 0.46 -1.90
N GLN C 119 5.98 1.02 -3.11
CA GLN C 119 5.94 0.21 -4.33
C GLN C 119 7.24 -0.54 -4.55
N SER C 120 8.32 0.08 -4.08
CA SER C 120 9.68 -0.46 -4.11
C SER C 120 10.26 -0.54 -5.52
N ASN C 121 9.75 0.32 -6.39
CA ASN C 121 10.36 0.58 -7.70
C ASN C 121 11.37 1.73 -7.63
N LEU C 122 11.38 2.49 -6.54
CA LEU C 122 12.30 3.62 -6.36
C LEU C 122 13.06 3.49 -5.06
N ILE C 123 14.24 4.09 -5.06
CA ILE C 123 15.00 4.35 -3.83
C ILE C 123 15.27 5.85 -3.75
N VAL C 124 15.12 6.38 -2.54
CA VAL C 124 15.57 7.73 -2.23
C VAL C 124 16.82 7.68 -1.35
N SER C 125 17.78 8.55 -1.64
CA SER C 125 18.99 8.66 -0.82
C SER C 125 19.27 10.09 -0.43
N GLY C 126 19.96 10.27 0.70
CA GLY C 126 20.48 11.57 1.14
C GLY C 126 21.97 11.51 1.41
N SER C 127 22.68 12.59 1.12
CA SER C 127 24.14 12.56 1.17
C SER C 127 24.72 13.79 1.83
N PHE C 128 25.97 13.64 2.29
CA PHE C 128 26.78 14.75 2.70
C PHE C 128 27.03 15.72 1.55
N ASP C 129 26.82 15.28 0.32
CA ASP C 129 26.89 16.19 -0.84
C ASP C 129 25.69 17.15 -0.94
N GLU C 130 24.82 17.12 0.07
CA GLU C 130 23.69 18.08 0.23
C GLU C 130 22.52 17.82 -0.72
N SER C 131 22.63 16.74 -1.51
CA SER C 131 21.56 16.37 -2.44
C SER C 131 20.71 15.20 -1.96
N VAL C 132 19.49 15.16 -2.50
CA VAL C 132 18.63 14.00 -2.42
C VAL C 132 18.58 13.40 -3.83
N ARG C 133 18.80 12.09 -3.93
CA ARG C 133 18.69 11.41 -5.20
C ARG C 133 17.58 10.36 -5.20
N ILE C 134 16.91 10.25 -6.35
CA ILE C 134 15.87 9.25 -6.58
C ILE C 134 16.33 8.31 -7.68
N TRP C 135 16.37 7.02 -7.32
CA TRP C 135 16.93 5.97 -8.16
C TRP C 135 15.87 4.95 -8.60
N ASP C 136 16.04 4.44 -9.81
CA ASP C 136 15.23 3.33 -10.33
C ASP C 136 15.82 2.02 -9.81
N VAL C 137 15.03 1.24 -9.08
CA VAL C 137 15.49 -0.03 -8.51
C VAL C 137 15.87 -1.02 -9.61
N LYS C 138 15.04 -1.10 -10.65
CA LYS C 138 15.25 -2.07 -11.74
C LYS C 138 16.57 -1.84 -12.47
N THR C 139 16.82 -0.60 -12.92
CA THR C 139 18.00 -0.30 -13.73
C THR C 139 19.22 0.20 -12.93
N GLY C 140 18.99 0.66 -11.71
CA GLY C 140 20.03 1.31 -10.92
C GLY C 140 20.38 2.72 -11.34
N LYS C 141 19.66 3.24 -12.34
CA LYS C 141 19.92 4.60 -12.85
C LYS C 141 19.36 5.68 -11.92
N CYS C 142 20.11 6.77 -11.77
CA CYS C 142 19.60 7.91 -11.01
C CYS C 142 18.58 8.68 -11.87
N LEU C 143 17.35 8.77 -11.38
CA LEU C 143 16.26 9.42 -12.10
C LEU C 143 16.22 10.92 -11.85
N LYS C 144 16.40 11.34 -10.60
CA LYS C 144 16.47 12.77 -10.25
C LYS C 144 17.53 13.01 -9.20
N THR C 145 18.21 14.14 -9.34
CA THR C 145 19.05 14.73 -8.29
C THR C 145 18.36 16.03 -7.85
N LEU C 146 17.93 16.08 -6.61
CA LEU C 146 17.31 17.27 -6.03
C LEU C 146 18.38 18.09 -5.30
N PRO C 147 18.43 19.41 -5.56
CA PRO C 147 19.27 20.34 -4.79
C PRO C 147 18.59 20.62 -3.46
N ALA C 148 18.58 19.60 -2.60
CA ALA C 148 17.58 19.56 -1.55
C ALA C 148 17.90 20.47 -0.37
N HIS C 149 19.19 20.59 -0.06
CA HIS C 149 19.63 21.22 1.20
C HIS C 149 20.97 21.93 1.03
N SER C 150 21.36 22.75 2.00
CA SER C 150 22.62 23.48 1.94
C SER C 150 23.65 22.96 2.95
N ASP C 151 23.48 21.69 3.34
CA ASP C 151 24.32 20.97 4.31
C ASP C 151 23.97 19.47 4.20
N PRO C 152 24.79 18.57 4.80
CA PRO C 152 24.48 17.12 4.75
C PRO C 152 23.01 16.75 5.01
N VAL C 153 22.50 15.83 4.20
CA VAL C 153 21.14 15.30 4.36
C VAL C 153 21.14 14.15 5.38
N SER C 154 20.37 14.33 6.46
CA SER C 154 20.42 13.40 7.60
C SER C 154 19.41 12.24 7.49
N ALA C 155 18.32 12.48 6.73
CA ALA C 155 17.23 11.50 6.59
C ALA C 155 16.39 11.76 5.33
N VAL C 156 15.85 10.67 4.76
CA VAL C 156 14.96 10.72 3.60
C VAL C 156 13.93 9.58 3.79
N HIS C 157 12.65 9.85 3.51
CA HIS C 157 11.58 8.88 3.75
C HIS C 157 10.41 9.18 2.78
N PHE C 158 9.85 8.13 2.19
CA PHE C 158 8.61 8.26 1.40
C PHE C 158 7.41 8.15 2.33
N ASN C 159 6.34 8.85 1.97
CA ASN C 159 5.06 8.67 2.64
C ASN C 159 4.38 7.33 2.24
N ARG C 160 3.18 7.13 2.79
CA ARG C 160 2.44 5.85 2.74
C ARG C 160 2.13 5.32 1.34
N ASP C 161 1.99 6.23 0.38
CA ASP C 161 1.71 5.81 -1.00
C ASP C 161 2.80 6.15 -2.01
N GLY C 162 3.95 6.58 -1.51
CA GLY C 162 5.09 6.93 -2.36
C GLY C 162 5.04 8.28 -3.07
N SER C 163 3.95 9.03 -2.90
CA SER C 163 3.75 10.26 -3.69
C SER C 163 4.59 11.42 -3.17
N LEU C 164 4.97 11.35 -1.89
CA LEU C 164 5.79 12.38 -1.25
C LEU C 164 7.05 11.80 -0.65
N ILE C 165 8.08 12.64 -0.59
CA ILE C 165 9.33 12.41 0.12
C ILE C 165 9.51 13.52 1.14
N VAL C 166 9.96 13.17 2.36
CA VAL C 166 10.43 14.18 3.30
C VAL C 166 11.94 14.01 3.47
N SER C 167 12.66 15.13 3.54
CA SER C 167 14.10 15.14 3.83
C SER C 167 14.40 16.09 4.99
N SER C 168 15.52 15.84 5.69
CA SER C 168 16.00 16.67 6.78
C SER C 168 17.50 16.86 6.63
N SER C 169 18.00 17.90 7.26
CA SER C 169 19.37 18.29 7.05
C SER C 169 19.97 19.08 8.20
N TYR C 170 21.31 19.00 8.31
CA TYR C 170 22.05 19.91 9.19
C TYR C 170 21.86 21.41 8.88
N ASP C 171 21.36 21.74 7.69
CA ASP C 171 20.99 23.13 7.36
C ASP C 171 19.84 23.70 8.21
N GLY C 172 19.19 22.82 8.97
CA GLY C 172 18.11 23.23 9.88
C GLY C 172 16.71 23.05 9.30
N LEU C 173 16.65 22.60 8.05
CA LEU C 173 15.35 22.48 7.38
C LEU C 173 14.79 21.06 7.28
N CYS C 174 13.48 20.98 7.29
N CYS C 174 13.47 20.99 7.25
CA CYS C 174 12.76 19.83 6.75
CA CYS C 174 12.78 19.81 6.74
C CYS C 174 12.07 20.29 5.46
C CYS C 174 11.95 20.22 5.52
N ARG C 175 12.04 19.42 4.45
CA ARG C 175 11.37 19.73 3.19
C ARG C 175 10.53 18.55 2.69
N ILE C 176 9.35 18.88 2.14
CA ILE C 176 8.45 17.87 1.56
C ILE C 176 8.53 18.04 0.06
N TRP C 177 8.72 16.91 -0.64
CA TRP C 177 8.93 16.90 -2.09
C TRP C 177 7.85 16.06 -2.77
N ASP C 178 7.43 16.51 -3.93
CA ASP C 178 6.59 15.70 -4.82
C ASP C 178 7.48 14.71 -5.55
N THR C 179 7.28 13.42 -5.28
CA THR C 179 8.11 12.35 -5.86
C THR C 179 8.16 12.41 -7.39
N ALA C 180 6.98 12.53 -8.02
CA ALA C 180 6.86 12.50 -9.48
C ALA C 180 7.63 13.65 -10.15
N SER C 181 7.53 14.85 -9.60
CA SER C 181 8.11 16.03 -10.27
C SER C 181 9.44 16.47 -9.67
N GLY C 182 9.71 16.00 -8.46
CA GLY C 182 10.90 16.48 -7.75
C GLY C 182 10.77 17.90 -7.20
N GLN C 183 9.57 18.50 -7.28
CA GLN C 183 9.39 19.86 -6.79
C GLN C 183 9.19 19.94 -5.28
N CYS C 184 9.75 20.98 -4.66
CA CYS C 184 9.56 21.21 -3.25
C CYS C 184 8.17 21.79 -2.95
N LEU C 185 7.40 21.06 -2.15
CA LEU C 185 6.05 21.44 -1.82
C LEU C 185 6.01 22.32 -0.59
N LYS C 186 6.92 22.05 0.36
CA LYS C 186 6.91 22.69 1.66
C LYS C 186 8.29 22.68 2.28
N THR C 187 8.70 23.82 2.83
CA THR C 187 9.89 23.90 3.67
C THR C 187 9.45 24.29 5.08
N LEU C 188 9.85 23.49 6.07
CA LEU C 188 9.65 23.86 7.47
C LEU C 188 10.89 24.51 8.03
N ILE C 189 10.74 25.73 8.56
CA ILE C 189 11.85 26.46 9.20
C ILE C 189 11.56 26.65 10.69
N ASP C 190 12.56 26.36 11.53
CA ASP C 190 12.49 26.58 12.98
C ASP C 190 13.20 27.88 13.33
N ASP C 192 15.73 29.17 15.98
CA ASP C 192 17.06 28.77 16.41
C ASP C 192 17.81 27.99 15.34
N ASN C 193 17.05 27.43 14.38
CA ASN C 193 17.61 26.70 13.25
C ASN C 193 18.57 25.53 13.60
N PRO C 194 18.21 24.71 14.62
CA PRO C 194 19.14 23.64 14.99
C PRO C 194 19.22 22.58 13.89
N PRO C 195 20.36 21.87 13.76
CA PRO C 195 20.43 20.78 12.78
C PRO C 195 19.28 19.79 12.99
N VAL C 196 18.65 19.36 11.89
CA VAL C 196 17.61 18.32 11.92
C VAL C 196 18.29 16.98 11.59
N SER C 197 18.31 16.08 12.57
CA SER C 197 19.14 14.89 12.51
C SER C 197 18.36 13.64 12.07
N PHE C 198 17.03 13.73 12.05
CA PHE C 198 16.21 12.61 11.60
C PHE C 198 14.82 13.15 11.31
N VAL C 199 14.14 12.52 10.35
CA VAL C 199 12.77 12.87 10.01
C VAL C 199 12.11 11.63 9.38
N LYS C 200 10.80 11.48 9.57
CA LYS C 200 10.02 10.44 8.88
C LYS C 200 8.54 10.81 8.96
N PHE C 201 7.77 10.45 7.94
CA PHE C 201 6.31 10.60 7.95
C PHE C 201 5.68 9.72 9.03
N SER C 202 4.54 10.16 9.57
CA SER C 202 3.65 9.28 10.38
C SER C 202 3.00 8.25 9.44
N PRO C 203 2.54 7.10 10.00
CA PRO C 203 1.87 6.08 9.19
C PRO C 203 0.73 6.62 8.32
N ASN C 204 -0.06 7.56 8.83
CA ASN C 204 -1.13 8.17 8.05
C ASN C 204 -0.66 9.28 7.08
N GLY C 205 0.65 9.51 7.03
CA GLY C 205 1.26 10.56 6.20
C GLY C 205 0.87 12.01 6.44
N LYS C 206 0.09 12.28 7.48
CA LYS C 206 -0.37 13.65 7.76
C LYS C 206 0.67 14.47 8.54
N TYR C 207 1.58 13.76 9.21
CA TYR C 207 2.57 14.34 10.12
C TYR C 207 3.99 13.92 9.77
N ILE C 208 4.96 14.76 10.16
CA ILE C 208 6.35 14.34 10.22
C ILE C 208 6.91 14.37 11.66
N LEU C 209 7.68 13.35 11.98
CA LEU C 209 8.42 13.28 13.24
C LEU C 209 9.86 13.67 12.96
N ALA C 210 10.29 14.78 13.56
CA ALA C 210 11.60 15.34 13.33
C ALA C 210 12.42 15.44 14.61
N ALA C 211 13.68 15.00 14.52
CA ALA C 211 14.64 15.13 15.61
C ALA C 211 15.54 16.31 15.31
N THR C 212 15.79 17.12 16.34
CA THR C 212 16.79 18.18 16.21
C THR C 212 17.88 17.96 17.26
N LEU C 213 19.10 18.45 16.98
CA LEU C 213 20.24 18.20 17.84
C LEU C 213 20.22 19.06 19.11
N ASP C 214 19.05 19.18 19.69
CA ASP C 214 18.89 19.90 20.95
C ASP C 214 17.97 19.10 21.85
N ASN C 215 18.17 17.79 21.83
CA ASN C 215 17.49 16.85 22.74
C ASN C 215 15.96 16.92 22.59
N THR C 216 15.50 17.12 21.34
CA THR C 216 14.09 17.34 21.06
C THR C 216 13.60 16.56 19.83
N LEU C 217 12.47 15.88 20.01
CA LEU C 217 11.66 15.33 18.94
C LEU C 217 10.37 16.13 18.84
N LYS C 218 9.96 16.41 17.60
CA LYS C 218 8.73 17.15 17.35
C LYS C 218 7.86 16.46 16.30
N LEU C 219 6.56 16.44 16.57
CA LEU C 219 5.57 15.98 15.61
C LEU C 219 4.93 17.21 14.97
N TRP C 220 5.10 17.33 13.65
CA TRP C 220 4.64 18.48 12.88
C TRP C 220 3.48 18.13 11.95
N ASP C 221 2.44 18.95 11.97
CA ASP C 221 1.54 19.02 10.83
C ASP C 221 2.28 19.87 9.79
N TYR C 222 2.84 19.25 8.78
CA TYR C 222 3.71 19.99 7.84
C TYR C 222 2.92 20.91 6.90
N SER C 223 1.69 20.52 6.56
CA SER C 223 0.87 21.33 5.66
C SER C 223 0.43 22.65 6.33
N LYS C 224 0.25 22.60 7.64
CA LYS C 224 -0.09 23.80 8.43
C LYS C 224 1.16 24.58 8.89
N GLY C 225 2.32 23.91 8.89
CA GLY C 225 3.54 24.43 9.49
C GLY C 225 3.41 24.53 11.00
N LYS C 226 2.71 23.55 11.59
CA LYS C 226 2.30 23.61 12.99
C LYS C 226 2.81 22.41 13.82
N CYS C 227 3.54 22.71 14.89
CA CYS C 227 4.04 21.67 15.80
C CYS C 227 2.91 21.22 16.73
N LEU C 228 2.58 19.94 16.64
CA LEU C 228 1.51 19.37 17.43
C LEU C 228 1.97 18.83 18.76
N LYS C 229 3.14 18.19 18.79
CA LYS C 229 3.68 17.58 20.02
C LYS C 229 5.20 17.71 20.07
N THR C 230 5.74 17.81 21.28
CA THR C 230 7.18 17.71 21.49
C THR C 230 7.54 16.67 22.57
N TYR C 231 8.58 15.90 22.29
CA TYR C 231 8.99 14.83 23.17
C TYR C 231 10.42 15.08 23.61
N THR C 232 10.63 15.16 24.92
CA THR C 232 11.93 15.50 25.47
C THR C 232 12.23 14.67 26.72
N GLY C 233 13.45 14.82 27.23
CA GLY C 233 13.88 14.10 28.42
C GLY C 233 15.09 13.23 28.14
N HIS C 234 15.27 12.89 26.87
CA HIS C 234 16.44 12.14 26.39
C HIS C 234 17.62 13.07 26.05
N LYS C 235 18.74 12.48 25.63
CA LYS C 235 19.95 13.20 25.23
C LYS C 235 20.23 13.02 23.73
N ASN C 236 20.23 14.12 23.00
CA ASN C 236 20.52 14.05 21.56
C ASN C 236 21.06 15.37 21.06
N GLU C 237 22.37 15.54 21.22
CA GLU C 237 23.06 16.74 20.77
C GLU C 237 24.12 16.46 19.71
N LYS C 238 24.43 15.19 19.47
CA LYS C 238 25.63 14.77 18.71
C LYS C 238 25.35 13.90 17.49
N TYR C 239 24.46 12.90 17.64
CA TYR C 239 24.27 11.88 16.61
C TYR C 239 22.92 11.95 15.90
N CYS C 240 22.90 11.45 14.66
CA CYS C 240 21.63 11.28 13.95
C CYS C 240 20.99 9.96 14.41
N ILE C 241 20.17 10.09 15.45
CA ILE C 241 19.49 8.96 16.08
C ILE C 241 18.11 8.78 15.43
N PHE C 242 17.78 7.54 15.07
CA PHE C 242 16.46 7.27 14.49
C PHE C 242 15.34 7.39 15.54
N ALA C 243 14.13 7.62 15.05
CA ALA C 243 12.96 7.63 15.90
C ALA C 243 11.84 6.88 15.18
N ASN C 244 10.89 6.38 15.95
CA ASN C 244 9.82 5.52 15.40
C ASN C 244 8.47 5.85 15.98
N PHE C 245 7.45 5.51 15.20
CA PHE C 245 6.09 5.41 15.68
C PHE C 245 5.88 3.94 15.96
N SER C 246 5.63 3.59 17.23
CA SER C 246 5.25 2.24 17.60
C SER C 246 3.73 2.13 17.54
N VAL C 247 3.22 1.21 16.71
CA VAL C 247 1.78 1.17 16.40
C VAL C 247 1.12 -0.18 16.69
N THR C 248 1.90 -1.19 17.02
CA THR C 248 1.35 -2.55 17.21
C THR C 248 0.53 -2.74 18.49
N GLY C 249 0.84 -1.95 19.52
CA GLY C 249 0.07 -2.01 20.78
C GLY C 249 -0.38 -0.61 21.11
N GLY C 250 0.08 -0.08 22.24
CA GLY C 250 -0.09 1.33 22.55
C GLY C 250 0.60 2.20 21.51
N LYS C 251 0.07 3.39 21.31
CA LYS C 251 0.63 4.34 20.34
C LYS C 251 1.77 5.17 20.98
N TRP C 252 3.00 4.79 20.68
CA TRP C 252 4.18 5.41 21.27
C TRP C 252 5.09 6.08 20.27
N ILE C 253 6.02 6.85 20.80
CA ILE C 253 7.17 7.33 20.06
C ILE C 253 8.36 6.65 20.72
N VAL C 254 9.24 6.10 19.91
CA VAL C 254 10.45 5.44 20.38
C VAL C 254 11.70 6.14 19.81
N SER C 255 12.69 6.35 20.67
CA SER C 255 13.98 6.88 20.24
C SER C 255 15.14 6.36 21.07
N GLY C 256 16.29 6.25 20.41
CA GLY C 256 17.56 6.07 21.09
C GLY C 256 18.00 7.36 21.76
N SER C 257 19.11 7.28 22.50
CA SER C 257 19.59 8.40 23.28
C SER C 257 21.05 8.23 23.59
N GLU C 258 21.70 9.38 23.72
CA GLU C 258 23.12 9.51 24.05
C GLU C 258 23.44 9.23 25.52
N ASP C 259 22.42 8.98 26.33
CA ASP C 259 22.60 8.50 27.70
C ASP C 259 22.47 6.96 27.80
N ASN C 260 22.61 6.29 26.65
CA ASN C 260 22.61 4.82 26.50
C ASN C 260 21.26 4.13 26.75
N LEU C 261 20.19 4.91 26.79
CA LEU C 261 18.83 4.35 27.03
C LEU C 261 17.97 4.39 25.76
N VAL C 262 16.97 3.51 25.69
CA VAL C 262 15.88 3.64 24.71
C VAL C 262 14.74 4.37 25.43
N TYR C 263 14.27 5.47 24.83
CA TYR C 263 13.13 6.22 25.36
C TYR C 263 11.84 5.88 24.61
N ILE C 264 10.76 5.74 25.39
CA ILE C 264 9.43 5.51 24.86
C ILE C 264 8.46 6.50 25.49
N TRP C 265 7.75 7.22 24.63
CA TRP C 265 6.80 8.25 25.04
C TRP C 265 5.41 7.88 24.55
N ASN C 266 4.40 8.26 25.34
CA ASN C 266 3.02 8.26 24.90
C ASN C 266 2.88 9.36 23.84
N LEU C 267 2.45 8.98 22.63
CA LEU C 267 2.36 9.92 21.52
C LEU C 267 1.50 11.16 21.81
N GLN C 268 0.34 10.94 22.43
CA GLN C 268 -0.62 12.01 22.63
C GLN C 268 -0.26 12.89 23.84
N THR C 269 0.14 12.26 24.94
CA THR C 269 0.33 13.02 26.17
C THR C 269 1.74 13.58 26.28
N LYS C 270 2.65 13.05 25.46
CA LYS C 270 4.09 13.39 25.47
C LYS C 270 4.85 12.94 26.70
N GLU C 271 4.20 12.20 27.61
CA GLU C 271 4.85 11.67 28.81
C GLU C 271 5.76 10.51 28.45
N ILE C 272 6.91 10.42 29.10
CA ILE C 272 7.77 9.25 29.00
C ILE C 272 7.06 8.10 29.73
N VAL C 273 6.91 6.96 29.05
CA VAL C 273 6.25 5.80 29.64
C VAL C 273 7.21 4.66 29.94
N GLN C 274 8.38 4.68 29.29
CA GLN C 274 9.44 3.71 29.62
C GLN C 274 10.84 4.19 29.21
N LYS C 275 11.86 3.71 29.91
CA LYS C 275 13.25 3.85 29.52
C LYS C 275 13.86 2.46 29.57
N LEU C 276 14.53 2.05 28.51
CA LEU C 276 15.10 0.71 28.46
C LEU C 276 16.60 0.77 28.69
N GLN C 277 17.04 0.14 29.80
CA GLN C 277 18.44 0.16 30.21
C GLN C 277 19.13 -1.16 29.89
N GLY C 278 20.37 -1.07 29.42
CA GLY C 278 21.14 -2.28 29.13
C GLY C 278 22.31 -2.05 28.21
N HIS C 279 22.17 -1.09 27.29
CA HIS C 279 23.24 -0.74 26.37
C HIS C 279 24.38 -0.02 27.10
N THR C 280 25.61 -0.22 26.62
CA THR C 280 26.79 0.41 27.26
C THR C 280 27.45 1.52 26.40
N ASP C 281 26.67 2.04 25.46
CA ASP C 281 27.07 3.17 24.61
C ASP C 281 25.82 3.82 23.99
N VAL C 282 26.02 4.91 23.28
CA VAL C 282 24.91 5.67 22.66
C VAL C 282 24.02 4.68 21.87
N VAL C 283 22.70 4.78 22.08
CA VAL C 283 21.74 4.02 21.29
C VAL C 283 21.40 4.86 20.07
N ILE C 284 22.01 4.50 18.95
CA ILE C 284 21.94 5.30 17.71
C ILE C 284 20.69 4.97 16.89
N SER C 285 20.20 3.75 17.03
CA SER C 285 19.13 3.26 16.17
C SER C 285 18.15 2.36 16.93
N THR C 286 16.88 2.56 16.63
CA THR C 286 15.78 1.73 17.14
C THR C 286 14.83 1.40 15.99
N ALA C 287 14.14 0.26 16.11
CA ALA C 287 13.18 -0.14 15.08
C ALA C 287 12.06 -0.91 15.77
N CYS C 288 10.87 -0.81 15.21
CA CYS C 288 9.66 -1.40 15.78
C CYS C 288 9.17 -2.49 14.83
N HIS C 289 8.95 -3.68 15.37
CA HIS C 289 8.47 -4.82 14.61
C HIS C 289 7.08 -4.55 13.94
N PRO C 290 6.87 -4.99 12.67
CA PRO C 290 5.58 -4.72 11.97
C PRO C 290 4.29 -5.25 12.65
N THR C 291 4.36 -6.34 13.42
CA THR C 291 3.15 -7.00 13.93
C THR C 291 3.18 -7.27 15.42
N GLU C 292 4.36 -7.52 15.95
CA GLU C 292 4.51 -7.78 17.38
C GLU C 292 5.05 -6.55 18.09
N ASN C 293 4.76 -6.46 19.41
CA ASN C 293 5.30 -5.42 20.25
C ASN C 293 6.77 -5.76 20.58
N ILE C 294 7.61 -5.70 19.54
CA ILE C 294 9.03 -5.99 19.65
C ILE C 294 9.85 -4.76 19.21
N ILE C 295 10.81 -4.36 20.03
CA ILE C 295 11.76 -3.32 19.65
C ILE C 295 13.18 -3.87 19.46
N ALA C 296 13.85 -3.42 18.39
CA ALA C 296 15.28 -3.66 18.22
C ALA C 296 16.03 -2.35 18.47
N SER C 297 17.15 -2.45 19.20
CA SER C 297 17.98 -1.28 19.50
C SER C 297 19.45 -1.60 19.23
N ALA C 298 20.24 -0.57 18.93
CA ALA C 298 21.64 -0.79 18.58
C ALA C 298 22.51 0.39 19.02
N ALA C 299 23.76 0.08 19.34
CA ALA C 299 24.65 0.98 20.06
C ALA C 299 26.02 1.15 19.39
N LEU C 300 26.72 2.20 19.81
CA LEU C 300 28.04 2.53 19.29
C LEU C 300 29.14 1.61 19.88
N GLU C 301 30.40 1.92 19.56
CA GLU C 301 31.50 0.95 19.62
C GLU C 301 31.95 0.48 21.01
N ASN C 302 31.55 1.15 22.09
CA ASN C 302 31.81 0.56 23.43
C ASN C 302 30.90 -0.67 23.68
N ASP C 303 29.90 -0.83 22.81
CA ASP C 303 28.82 -1.81 22.95
C ASP C 303 28.76 -2.72 21.70
N LYS C 304 28.41 -2.16 20.53
CA LYS C 304 28.45 -2.88 19.24
C LYS C 304 27.40 -3.98 19.12
N THR C 305 26.47 -4.02 20.08
CA THR C 305 25.40 -5.02 20.06
C THR C 305 24.07 -4.43 19.65
N ILE C 306 23.21 -5.33 19.16
CA ILE C 306 21.79 -5.07 18.91
C ILE C 306 21.04 -5.80 20.02
N LYS C 307 20.06 -5.14 20.62
CA LYS C 307 19.21 -5.81 21.61
C LYS C 307 17.77 -5.93 21.13
N LEU C 308 17.16 -7.09 21.40
CA LEU C 308 15.73 -7.30 21.14
C LEU C 308 14.91 -7.32 22.45
N TRP C 309 13.86 -6.51 22.45
CA TRP C 309 13.00 -6.29 23.61
C TRP C 309 11.56 -6.66 23.23
N LYS C 310 10.83 -7.23 24.19
CA LYS C 310 9.41 -7.60 23.96
C LYS C 310 8.46 -7.01 25.03
N SER C 311 7.35 -6.41 24.58
CA SER C 311 6.32 -5.87 25.49
C SER C 311 4.97 -6.58 25.35
N ASP C 312 4.22 -6.60 26.46
CA ASP C 312 2.86 -7.15 26.47
C ASP C 312 1.83 -6.19 25.81
N CYS C 313 2.17 -4.91 25.69
CA CYS C 313 1.28 -3.92 25.06
C CYS C 313 2.06 -2.79 24.39
N ALA D 1 30.99 7.93 8.93
CA ALA D 1 29.63 7.31 9.04
C ALA D 1 28.73 8.04 10.07
N ARG D 2 27.44 7.67 10.09
CA ARG D 2 26.49 8.12 11.12
C ARG D 2 27.01 7.93 12.58
N THR D 3 27.88 6.94 12.76
CA THR D 3 28.46 6.58 14.07
C THR D 3 29.50 7.58 14.60
N MLY D 4 29.86 8.59 13.81
CA MLY D 4 30.80 9.64 14.25
CB MLY D 4 32.01 9.73 13.32
CG MLY D 4 32.91 8.49 13.36
CD MLY D 4 33.39 8.20 14.78
CE MLY D 4 34.54 7.18 14.79
NZ MLY D 4 34.56 6.44 16.07
CH1 MLY D 4 35.48 5.30 15.91
CH2 MLY D 4 35.00 7.32 17.16
C MLY D 4 30.11 10.97 14.24
O MLY D 4 29.20 11.18 13.43
N GLN D 5 30.51 11.89 15.12
CA GLN D 5 29.87 13.22 15.17
C GLN D 5 30.16 14.10 13.96
#